data_6RFK
#
_entry.id   6RFK
#
_cell.length_a   100.160
_cell.length_b   100.160
_cell.length_c   91.500
_cell.angle_alpha   90.00
_cell.angle_beta   90.00
_cell.angle_gamma   90.00
#
_symmetry.space_group_name_H-M   'P 43 21 2'
#
loop_
_entity.id
_entity.type
_entity.pdbx_description
1 polymer 'Coagulation factor IX'
2 polymer 'Coagulation factor IX'
3 polymer GLU-GLY-AR7-0QE
4 non-polymer 2-[3-(2-HYDROXY-1,1-DIHYDROXYMETHYL-ETHYLAMINO)-PROPYLAMINO]-2-HYDROXYMETHYL-PROPANE-1,3-DIOL
5 non-polymer 'CALCIUM ION'
6 non-polymer GLYCEROL
7 water water
#
loop_
_entity_poly.entity_id
_entity_poly.type
_entity_poly.pdbx_seq_one_letter_code
_entity_poly.pdbx_strand_id
1 'polypeptide(L)' MDVTCNIKNGRCEQFCKNSADNKVVCSCTEGYRLAENQKSCEPAVPFPCGRVSVSQTSKLTR E
2 'polypeptide(L)'
;VVGGEDAKPGQFPWQVVLNGKVDAFCGGSIVNEKWIVTAAHCVETGVKITVVAGEHNIEETEHTEQKRNVIRIIPHHNYN
AAINKYNHDIALLELDEPLVLNSYVTPICIADKEYTNIFLKFGSGYVSGWGRVFHQGQSALVLQYLRVPLVDRATCLRST
KFTIYNNMFCAGFHEGGRDSCQGDSGGPHVTEVEGTSFLTGIISWGEECAMKGKYGIYTKVSRYVNWIKEKTKLT
;
S
3 'polypeptide(L)' EG(AR7)(0QE) I
#
# COMPACT_ATOMS: atom_id res chain seq x y z
N MET A 1 -20.40 1.38 -30.17
CA MET A 1 -21.52 0.57 -30.69
C MET A 1 -21.52 -0.75 -29.93
N ASP A 2 -20.39 -1.42 -30.12
CA ASP A 2 -20.12 -2.70 -29.49
C ASP A 2 -19.49 -2.33 -28.31
N VAL A 3 -19.38 -1.24 -27.57
CA VAL A 3 -18.61 -1.09 -26.36
C VAL A 3 -19.27 -1.48 -25.07
N THR A 4 -18.57 -2.22 -24.19
CA THR A 4 -19.17 -2.72 -22.91
C THR A 4 -18.16 -2.75 -21.80
N CYS A 5 -18.59 -2.52 -20.54
CA CYS A 5 -17.67 -2.64 -19.42
C CYS A 5 -17.09 -4.04 -19.27
N ASN A 6 -17.80 -5.09 -19.77
CA ASN A 6 -17.33 -6.49 -19.67
C ASN A 6 -16.14 -6.80 -20.55
N ILE A 7 -15.82 -5.90 -21.47
CA ILE A 7 -14.73 -6.21 -22.40
C ILE A 7 -13.81 -5.02 -22.38
N LYS A 8 -12.55 -5.23 -21.97
CA LYS A 8 -11.51 -4.17 -21.94
C LYS A 8 -11.95 -2.95 -21.17
N ASN A 9 -12.75 -3.20 -20.13
CA ASN A 9 -13.21 -2.12 -19.25
C ASN A 9 -13.87 -0.98 -19.98
N GLY A 10 -14.53 -1.28 -21.08
CA GLY A 10 -15.24 -0.24 -21.84
C GLY A 10 -14.30 0.78 -22.50
N ARG A 11 -13.04 0.37 -22.58
CA ARG A 11 -11.94 1.28 -22.96
C ARG A 11 -11.68 2.38 -21.95
N CYS A 12 -12.30 2.29 -20.77
CA CYS A 12 -12.06 3.33 -19.75
C CYS A 12 -10.69 3.10 -19.06
N GLU A 13 -9.96 4.21 -18.83
CA GLU A 13 -8.63 4.05 -18.25
C GLU A 13 -8.74 3.52 -16.77
N GLN A 14 -9.69 4.08 -16.06
CA GLN A 14 -9.88 3.69 -14.67
C GLN A 14 -11.21 2.89 -14.49
N PHE A 15 -12.33 3.58 -14.34
CA PHE A 15 -13.58 2.91 -13.98
C PHE A 15 -14.61 3.02 -15.08
N CYS A 16 -15.47 1.99 -15.14
CA CYS A 16 -16.49 1.86 -16.18
C CYS A 16 -17.80 1.55 -15.56
N LYS A 17 -18.90 2.12 -16.06
CA LYS A 17 -20.28 1.77 -15.61
C LYS A 17 -21.11 1.70 -16.90
N ASN A 18 -21.91 0.66 -17.07
CA ASN A 18 -22.66 0.51 -18.39
C ASN A 18 -23.76 1.58 -18.47
N SER A 19 -23.90 2.24 -19.66
CA SER A 19 -24.92 3.11 -19.99
C SER A 19 -25.98 2.55 -21.01
N ALA A 20 -27.05 3.28 -21.25
CA ALA A 20 -28.10 2.74 -22.17
C ALA A 20 -27.56 2.34 -23.59
N ASP A 21 -28.13 1.53 -24.28
CA ASP A 21 -27.79 1.14 -25.66
C ASP A 21 -26.36 0.65 -25.95
N ASN A 22 -25.79 -0.21 -25.11
CA ASN A 22 -24.44 -0.76 -25.32
C ASN A 22 -23.37 0.32 -25.51
N LYS A 23 -23.59 1.58 -24.94
CA LYS A 23 -22.58 2.69 -24.42
C LYS A 23 -22.23 2.56 -22.84
N VAL A 24 -21.08 2.99 -22.52
CA VAL A 24 -20.53 3.01 -21.20
C VAL A 24 -20.35 4.42 -20.74
N VAL A 25 -20.18 4.63 -19.43
CA VAL A 25 -19.72 5.87 -18.90
C VAL A 25 -18.44 5.60 -18.14
N CYS A 26 -17.34 6.29 -18.59
CA CYS A 26 -16.02 6.19 -17.90
C CYS A 26 -15.95 7.16 -16.74
N SER A 27 -15.10 6.84 -15.76
CA SER A 27 -14.92 7.76 -14.64
C SER A 27 -13.58 7.50 -14.00
N CYS A 28 -13.25 8.33 -13.00
CA CYS A 28 -11.87 8.43 -12.48
C CYS A 28 -11.95 8.50 -10.97
N THR A 29 -10.86 8.21 -10.31
CA THR A 29 -10.80 8.35 -8.85
C THR A 29 -10.65 9.84 -8.46
N GLU A 30 -10.86 10.13 -7.18
CA GLU A 30 -10.85 11.52 -6.65
C GLU A 30 -9.52 12.13 -7.02
N GLY A 31 -9.57 13.36 -7.51
CA GLY A 31 -8.41 14.11 -7.87
C GLY A 31 -8.08 14.05 -9.35
N TYR A 32 -8.87 13.27 -10.12
CA TYR A 32 -8.72 13.13 -11.60
C TYR A 32 -10.01 13.53 -12.22
N ARG A 33 -9.96 13.90 -13.47
CA ARG A 33 -11.19 14.13 -14.25
C ARG A 33 -11.06 13.46 -15.61
N LEU A 34 -12.19 13.22 -16.25
CA LEU A 34 -12.20 12.53 -17.52
C LEU A 34 -11.59 13.45 -18.59
N ALA A 35 -10.68 12.93 -19.40
CA ALA A 35 -10.05 13.66 -20.51
C ALA A 35 -11.04 13.90 -21.62
N GLU A 36 -10.59 14.65 -22.64
CA GLU A 36 -11.40 14.97 -23.82
C GLU A 36 -11.93 13.69 -24.39
N ASN A 37 -11.11 12.64 -24.40
CA ASN A 37 -11.62 11.50 -25.18
C ASN A 37 -12.72 10.72 -24.41
N GLN A 38 -13.13 11.17 -23.23
CA GLN A 38 -14.18 10.52 -22.39
C GLN A 38 -13.82 9.13 -21.91
N LYS A 39 -12.55 8.80 -22.04
CA LYS A 39 -11.97 7.46 -21.69
C LYS A 39 -10.85 7.59 -20.64
N SER A 40 -9.91 8.50 -20.90
CA SER A 40 -8.68 8.64 -20.10
C SER A 40 -8.93 9.58 -18.92
N CYS A 41 -8.01 9.52 -17.96
CA CYS A 41 -8.05 10.27 -16.75
C CYS A 41 -6.88 11.27 -16.71
N GLU A 42 -7.18 12.47 -16.32
CA GLU A 42 -6.11 13.50 -16.15
C GLU A 42 -6.27 14.21 -14.77
N PRO A 43 -5.16 14.61 -14.21
CA PRO A 43 -5.18 15.31 -12.91
C PRO A 43 -6.08 16.51 -12.88
N ALA A 44 -6.88 16.67 -11.83
CA ALA A 44 -7.69 17.87 -11.64
C ALA A 44 -7.21 18.71 -10.45
N VAL A 45 -6.18 18.29 -9.76
CA VAL A 45 -5.66 18.99 -8.60
C VAL A 45 -4.17 18.95 -8.76
N PRO A 46 -3.45 19.73 -7.95
CA PRO A 46 -2.00 19.72 -8.08
C PRO A 46 -1.27 18.44 -7.73
N PHE A 47 -1.70 17.70 -6.68
CA PHE A 47 -0.92 16.49 -6.25
C PHE A 47 -1.95 15.34 -6.12
N PRO A 48 -2.50 14.93 -7.23
CA PRO A 48 -3.49 13.85 -7.19
C PRO A 48 -2.87 12.51 -6.69
N CYS A 49 -3.71 11.66 -6.12
CA CYS A 49 -3.23 10.42 -5.53
C CYS A 49 -2.55 9.54 -6.60
N GLY A 50 -1.64 8.71 -6.14
CA GLY A 50 -1.14 7.65 -6.94
C GLY A 50 -0.19 8.00 -8.08
N ARG A 51 0.25 9.25 -8.09
CA ARG A 51 1.08 9.77 -9.15
C ARG A 51 2.46 10.04 -8.61
N VAL A 52 3.44 9.56 -9.32
CA VAL A 52 4.82 9.85 -9.05
C VAL A 52 5.12 11.07 -9.90
N SER A 53 5.52 12.12 -9.23
CA SER A 53 5.72 13.46 -9.84
C SER A 53 7.17 13.92 -9.87
N VAL A 54 8.08 13.10 -9.35
CA VAL A 54 9.49 13.36 -9.33
C VAL A 54 10.04 12.47 -10.39
N SER A 55 10.96 13.00 -11.22
CA SER A 55 11.61 12.17 -12.26
C SER A 55 12.47 11.05 -11.73
N GLN A 56 12.21 9.86 -12.29
CA GLN A 56 12.95 8.63 -11.99
C GLN A 56 14.01 8.38 -12.87
N THR A 57 14.27 9.31 -13.77
CA THR A 57 15.33 9.20 -14.75
C THR A 57 16.68 8.84 -14.15
N SER A 58 17.19 7.66 -14.54
CA SER A 58 18.49 7.15 -14.11
C SER A 58 19.13 6.30 -15.24
N LYS A 59 20.37 5.87 -15.07
CA LYS A 59 21.08 5.07 -16.09
C LYS A 59 22.27 4.26 -15.55
N LEU A 60 22.52 3.09 -16.14
CA LEU A 60 23.60 2.21 -15.70
C LEU A 60 24.72 2.24 -16.72
N THR A 61 25.93 2.56 -16.25
CA THR A 61 27.08 2.63 -17.13
C THR A 61 28.17 1.65 -16.74
N ARG A 62 28.65 0.89 -17.71
CA ARG A 62 29.73 -0.09 -17.48
C ARG A 62 29.84 -0.70 -16.08
N VAL B 1 12.59 -5.20 3.80
CA VAL B 1 12.48 -5.88 2.42
C VAL B 1 13.81 -6.59 2.17
N VAL B 2 13.74 -7.87 1.87
CA VAL B 2 14.83 -8.75 1.58
C VAL B 2 14.94 -8.81 0.07
N GLY B 3 16.16 -8.64 -0.44
CA GLY B 3 16.32 -8.75 -1.87
C GLY B 3 15.70 -7.74 -2.82
N GLY B 4 15.39 -6.59 -2.28
CA GLY B 4 14.89 -5.48 -3.00
C GLY B 4 16.00 -4.52 -3.48
N GLU B 5 15.60 -3.31 -3.78
CA GLU B 5 16.50 -2.26 -4.21
C GLU B 5 16.19 -0.97 -3.50
N ASP B 6 17.18 -0.06 -3.51
CA ASP B 6 16.92 1.24 -2.97
C ASP B 6 15.88 1.96 -3.82
N ALA B 7 14.88 2.56 -3.24
CA ALA B 7 14.02 3.53 -3.91
C ALA B 7 14.78 4.77 -4.28
N LYS B 8 14.29 5.47 -5.28
CA LYS B 8 14.67 6.84 -5.57
C LYS B 8 13.84 7.79 -4.74
N PRO B 9 14.37 8.92 -4.39
CA PRO B 9 13.51 9.94 -3.74
C PRO B 9 12.23 10.22 -4.52
N GLY B 10 11.11 10.20 -3.81
CA GLY B 10 9.86 10.54 -4.46
C GLY B 10 9.23 9.36 -5.20
N GLN B 11 9.92 8.23 -5.26
CA GLN B 11 9.37 7.06 -5.97
C GLN B 11 8.09 6.45 -5.37
N PHE B 12 7.95 6.64 -4.09
CA PHE B 12 6.83 6.03 -3.30
C PHE B 12 6.30 7.13 -2.35
N PRO B 13 5.70 8.18 -2.90
CA PRO B 13 5.44 9.38 -2.11
C PRO B 13 4.26 9.22 -1.14
N TRP B 14 3.60 8.07 -1.24
CA TRP B 14 2.57 7.64 -0.28
C TRP B 14 3.13 6.89 0.91
N GLN B 15 4.34 6.41 0.87
CA GLN B 15 4.95 5.67 1.90
C GLN B 15 5.25 6.60 3.10
N VAL B 16 4.90 6.07 4.32
CA VAL B 16 5.33 6.70 5.55
C VAL B 16 6.00 5.68 6.40
N VAL B 17 6.74 6.21 7.41
CA VAL B 17 7.37 5.38 8.40
C VAL B 17 6.77 5.75 9.77
N LEU B 18 6.65 4.74 10.63
CA LEU B 18 6.14 4.94 11.98
C LEU B 18 7.28 4.81 12.96
N ASN B 19 7.34 5.74 13.94
CA ASN B 19 8.34 5.70 14.97
C ASN B 19 7.61 5.60 16.30
N GLY B 20 8.15 4.85 17.21
CA GLY B 20 7.45 4.83 18.45
C GLY B 20 8.38 4.59 19.60
N LYS B 21 8.17 3.54 20.47
CA LYS B 21 9.13 3.05 21.49
C LYS B 21 10.41 2.59 20.76
N VAL B 22 10.30 2.08 19.54
CA VAL B 22 11.36 1.65 18.60
C VAL B 22 11.18 2.59 17.36
N ASP B 23 12.25 3.09 16.82
N ASP B 23 12.27 3.15 16.87
CA ASP B 23 12.13 3.87 15.59
CA ASP B 23 12.20 3.94 15.63
C ASP B 23 11.94 2.99 14.39
C ASP B 23 11.98 3.04 14.40
N ALA B 24 11.23 3.53 13.43
CA ALA B 24 11.03 2.85 12.13
C ALA B 24 10.51 1.41 12.28
N PHE B 25 9.58 1.24 13.14
CA PHE B 25 9.14 -0.09 13.58
C PHE B 25 8.13 -0.72 12.57
N CYS B 26 7.47 0.13 11.78
CA CYS B 26 6.36 -0.24 10.86
C CYS B 26 6.33 0.82 9.80
N GLY B 27 5.64 0.50 8.72
CA GLY B 27 5.27 1.43 7.69
C GLY B 27 3.78 1.78 7.68
N GLY B 28 3.43 2.58 6.70
CA GLY B 28 2.09 3.00 6.45
C GLY B 28 1.96 3.60 5.08
N SER B 29 0.73 3.98 4.71
CA SER B 29 0.40 4.68 3.48
C SER B 29 -0.48 5.87 3.69
N ILE B 30 -0.27 6.94 2.96
CA ILE B 30 -1.08 8.11 3.07
C ILE B 30 -2.42 7.92 2.37
N VAL B 31 -3.52 7.97 3.13
CA VAL B 31 -4.80 8.01 2.53
C VAL B 31 -5.22 9.36 2.11
N ASN B 32 -5.03 10.32 2.97
CA ASN B 32 -5.23 11.70 2.61
C ASN B 32 -4.41 12.57 3.61
N GLU B 33 -4.58 13.89 3.57
CA GLU B 33 -3.74 14.81 4.40
C GLU B 33 -3.83 14.50 5.92
N LYS B 34 -4.93 13.88 6.33
CA LYS B 34 -5.19 13.59 7.79
C LYS B 34 -5.13 12.17 8.21
N TRP B 35 -4.95 11.23 7.27
CA TRP B 35 -5.14 9.83 7.59
C TRP B 35 -4.06 8.90 6.97
N ILE B 36 -3.57 7.97 7.73
CA ILE B 36 -2.65 6.94 7.35
C ILE B 36 -3.35 5.56 7.52
N VAL B 37 -3.12 4.62 6.58
CA VAL B 37 -3.50 3.24 6.76
C VAL B 37 -2.26 2.43 6.98
N THR B 38 -2.35 1.50 7.96
CA THR B 38 -1.26 0.69 8.38
C THR B 38 -1.79 -0.67 8.81
N ALA B 39 -1.03 -1.49 9.50
CA ALA B 39 -1.41 -2.78 10.01
C ALA B 39 -1.82 -2.64 11.46
N ALA B 40 -2.91 -3.35 11.83
CA ALA B 40 -3.30 -3.37 13.25
C ALA B 40 -2.31 -3.97 14.17
N HIS B 41 -1.49 -4.91 13.76
CA HIS B 41 -0.56 -5.52 14.64
C HIS B 41 0.60 -4.54 15.03
N CYS B 42 0.73 -3.47 14.32
CA CYS B 42 1.72 -2.46 14.56
C CYS B 42 1.35 -1.51 15.66
N VAL B 43 0.07 -1.37 15.93
CA VAL B 43 -0.45 -0.29 16.69
C VAL B 43 -1.38 -0.72 17.75
N GLU B 44 -1.74 0.24 18.53
CA GLU B 44 -2.69 -0.01 19.66
C GLU B 44 -2.86 1.30 20.44
N THR B 45 -4.26 1.40 20.71
CA THR B 45 -4.91 2.58 21.25
C THR B 45 -4.07 3.10 22.49
N GLY B 46 -3.52 4.31 22.32
CA GLY B 46 -2.71 4.94 23.36
C GLY B 46 -1.19 4.78 23.49
N VAL B 47 -0.48 4.08 22.57
CA VAL B 47 1.03 3.92 22.68
C VAL B 47 1.58 4.93 21.73
N LYS B 48 2.79 5.68 21.99
CA LYS B 48 3.06 6.93 21.42
C LYS B 48 3.69 6.53 20.02
N ILE B 49 2.99 6.87 19.01
CA ILE B 49 3.38 6.76 17.56
C ILE B 49 3.50 8.11 16.89
N THR B 50 4.58 8.24 16.17
CA THR B 50 4.71 9.43 15.28
C THR B 50 4.84 8.89 13.83
N VAL B 51 4.30 9.64 12.92
CA VAL B 51 4.39 9.34 11.48
C VAL B 51 5.34 10.35 10.78
N VAL B 52 6.21 9.79 9.89
CA VAL B 52 7.05 10.67 9.11
C VAL B 52 6.75 10.33 7.59
N ALA B 53 6.22 11.34 6.90
CA ALA B 53 6.01 11.34 5.47
C ALA B 53 7.21 12.04 4.78
N GLY B 54 7.39 11.78 3.48
CA GLY B 54 8.49 12.42 2.80
C GLY B 54 9.83 11.89 3.25
N GLU B 55 9.91 10.67 3.72
CA GLU B 55 11.09 10.10 4.21
C GLU B 55 11.76 9.25 3.15
N HIS B 56 13.08 9.19 3.22
CA HIS B 56 13.91 8.45 2.28
C HIS B 56 14.95 7.65 2.99
N ASN B 57 15.84 8.38 3.69
CA ASN B 57 16.90 7.80 4.48
C ASN B 57 16.58 8.19 5.93
N ILE B 58 16.35 7.13 6.75
CA ILE B 58 15.85 7.34 8.07
C ILE B 58 16.90 7.90 9.05
N GLU B 59 18.19 7.97 8.69
N GLU B 59 18.18 7.89 8.68
CA GLU B 59 19.19 8.61 9.58
CA GLU B 59 19.29 8.46 9.51
C GLU B 59 19.62 9.97 9.14
C GLU B 59 19.81 9.78 9.00
N GLU B 60 19.25 10.37 7.96
CA GLU B 60 19.68 11.72 7.44
C GLU B 60 18.57 12.67 7.21
N THR B 61 18.89 13.93 7.06
CA THR B 61 17.84 14.92 6.84
C THR B 61 17.83 15.23 5.37
N GLU B 62 16.73 14.98 4.69
CA GLU B 62 16.53 15.30 3.32
C GLU B 62 15.85 16.64 3.11
N HIS B 63 15.25 17.21 4.18
CA HIS B 63 14.44 18.42 4.10
C HIS B 63 13.21 18.25 3.21
N THR B 64 12.71 17.03 3.15
CA THR B 64 11.37 16.76 2.53
C THR B 64 10.44 16.11 3.55
N GLU B 65 11.00 15.75 4.74
CA GLU B 65 10.25 15.02 5.74
C GLU B 65 9.18 15.91 6.42
N GLN B 66 8.03 15.25 6.71
CA GLN B 66 6.96 15.85 7.44
C GLN B 66 6.66 14.92 8.60
N LYS B 67 6.74 15.42 9.83
CA LYS B 67 6.60 14.54 11.05
C LYS B 67 5.20 14.99 11.63
N ARG B 68 4.35 14.00 11.92
CA ARG B 68 3.02 14.29 12.55
C ARG B 68 2.80 13.34 13.69
N ASN B 69 2.06 13.88 14.64
CA ASN B 69 1.53 13.07 15.77
C ASN B 69 0.22 12.40 15.38
N VAL B 70 -0.04 11.34 16.03
CA VAL B 70 -1.32 10.56 15.79
C VAL B 70 -2.29 10.94 16.95
N ILE B 71 -3.49 11.41 16.58
N ILE B 71 -3.46 11.45 16.60
CA ILE B 71 -4.51 11.75 17.54
CA ILE B 71 -4.46 11.81 17.54
C ILE B 71 -5.48 10.64 17.78
C ILE B 71 -5.46 10.67 17.78
N ARG B 72 -5.66 9.73 16.83
CA ARG B 72 -6.59 8.57 17.04
C ARG B 72 -6.14 7.36 16.29
N ILE B 73 -6.22 6.21 16.84
CA ILE B 73 -5.92 4.96 16.22
C ILE B 73 -7.22 4.18 16.12
N ILE B 74 -7.55 3.74 14.91
CA ILE B 74 -8.75 2.99 14.65
C ILE B 74 -8.36 1.60 14.06
N PRO B 75 -8.07 0.62 14.89
CA PRO B 75 -7.96 -0.74 14.35
C PRO B 75 -9.28 -1.17 13.76
N HIS B 76 -9.24 -2.01 12.73
CA HIS B 76 -10.50 -2.49 12.18
C HIS B 76 -11.32 -3.16 13.32
N HIS B 77 -12.66 -2.95 13.27
CA HIS B 77 -13.49 -3.49 14.38
C HIS B 77 -13.49 -5.00 14.51
N ASN B 78 -13.19 -5.73 13.41
CA ASN B 78 -13.01 -7.16 13.47
C ASN B 78 -11.64 -7.67 13.95
N TYR B 79 -10.66 -6.76 14.10
CA TYR B 79 -9.35 -7.19 14.52
C TYR B 79 -9.41 -7.55 15.97
N ASN B 80 -8.86 -8.71 16.33
CA ASN B 80 -8.79 -9.14 17.71
C ASN B 80 -7.56 -9.99 17.93
N ALA B 81 -6.51 -9.38 18.44
CA ALA B 81 -5.27 -10.06 18.58
C ALA B 81 -5.25 -11.23 19.47
N ALA B 82 -6.19 -11.27 20.41
CA ALA B 82 -6.25 -12.44 21.33
C ALA B 82 -6.79 -13.64 20.64
N ILE B 83 -7.54 -13.47 19.56
CA ILE B 83 -8.03 -14.61 18.76
C ILE B 83 -7.11 -14.93 17.61
N ASN B 84 -6.65 -13.90 16.91
CA ASN B 84 -5.71 -14.15 15.76
C ASN B 84 -4.95 -12.86 15.53
N LYS B 85 -3.61 -12.94 15.60
CA LYS B 85 -2.84 -11.73 15.50
C LYS B 85 -2.88 -11.03 14.14
N TYR B 86 -3.22 -11.78 13.07
CA TYR B 86 -3.06 -11.16 11.75
C TYR B 86 -4.31 -11.16 10.93
N ASN B 87 -5.43 -11.67 11.42
CA ASN B 87 -6.71 -11.56 10.70
C ASN B 87 -7.30 -10.20 10.83
N HIS B 88 -7.69 -9.59 9.71
CA HIS B 88 -8.18 -8.25 9.66
C HIS B 88 -7.04 -7.23 10.07
N ASP B 89 -5.83 -7.52 9.58
CA ASP B 89 -4.66 -6.78 9.96
C ASP B 89 -4.60 -5.43 9.28
N ILE B 90 -5.34 -4.48 9.78
CA ILE B 90 -5.51 -3.19 9.17
C ILE B 90 -5.99 -2.17 10.22
N ALA B 91 -5.43 -0.97 10.18
CA ALA B 91 -5.80 0.11 11.11
C ALA B 91 -5.60 1.43 10.48
N LEU B 92 -6.27 2.46 10.97
CA LEU B 92 -6.23 3.80 10.52
C LEU B 92 -5.66 4.69 11.62
N LEU B 93 -4.79 5.64 11.22
CA LEU B 93 -4.22 6.65 12.07
C LEU B 93 -4.66 8.00 11.61
N GLU B 94 -5.24 8.76 12.53
CA GLU B 94 -5.68 10.10 12.30
C GLU B 94 -4.52 11.04 12.75
N LEU B 95 -4.05 11.93 11.84
CA LEU B 95 -2.97 12.82 12.22
C LEU B 95 -3.53 14.02 12.91
N ASP B 96 -2.74 14.55 13.87
CA ASP B 96 -3.24 15.77 14.55
C ASP B 96 -3.37 17.02 13.68
N GLU B 97 -2.35 17.23 12.87
CA GLU B 97 -2.31 18.35 11.92
C GLU B 97 -2.11 17.77 10.54
N PRO B 98 -2.75 18.39 9.54
CA PRO B 98 -2.64 17.76 8.17
C PRO B 98 -1.20 17.78 7.63
N LEU B 99 -0.93 16.80 6.80
CA LEU B 99 0.22 16.84 5.91
C LEU B 99 0.01 17.87 4.86
N VAL B 100 1.14 18.42 4.36
CA VAL B 100 1.06 19.31 3.21
C VAL B 100 1.45 18.52 1.96
N LEU B 101 0.51 18.31 1.05
CA LEU B 101 0.84 17.40 -0.04
C LEU B 101 1.87 18.03 -1.04
N ASN B 102 2.79 17.25 -1.60
CA ASN B 102 3.72 17.76 -2.56
C ASN B 102 4.33 16.54 -3.25
N SER B 103 5.45 16.67 -3.98
CA SER B 103 5.91 15.52 -4.76
C SER B 103 6.50 14.39 -3.97
N TYR B 104 6.78 14.67 -2.69
CA TYR B 104 7.36 13.73 -1.84
C TYR B 104 6.28 13.14 -0.86
N VAL B 105 5.12 13.77 -0.84
CA VAL B 105 4.02 13.45 0.21
C VAL B 105 2.70 13.47 -0.56
N THR B 106 2.34 12.31 -1.07
CA THR B 106 1.18 12.21 -1.99
C THR B 106 0.36 10.98 -1.56
N PRO B 107 -0.98 11.08 -1.56
CA PRO B 107 -1.76 9.90 -1.14
C PRO B 107 -1.68 8.77 -2.12
N ILE B 108 -1.97 7.56 -1.69
CA ILE B 108 -2.19 6.45 -2.56
C ILE B 108 -3.67 6.43 -2.98
N CYS B 109 -4.00 6.05 -4.24
CA CYS B 109 -5.39 6.01 -4.67
C CYS B 109 -6.00 4.75 -4.12
N ILE B 110 -7.28 4.85 -3.80
CA ILE B 110 -7.97 3.64 -3.32
C ILE B 110 -9.32 3.54 -4.11
N ALA B 111 -9.40 2.44 -4.85
CA ALA B 111 -10.55 2.24 -5.68
C ALA B 111 -11.72 1.66 -4.84
N ASP B 112 -12.83 1.32 -5.51
CA ASP B 112 -13.93 0.62 -4.81
C ASP B 112 -13.55 -0.87 -4.59
N LYS B 113 -14.42 -1.65 -3.96
CA LYS B 113 -14.12 -3.01 -3.68
C LYS B 113 -13.88 -3.81 -4.93
N GLU B 114 -14.75 -3.69 -5.91
CA GLU B 114 -14.63 -4.47 -7.15
C GLU B 114 -13.31 -4.20 -7.90
N TYR B 115 -13.03 -2.88 -8.11
CA TYR B 115 -11.85 -2.53 -8.83
C TYR B 115 -10.59 -2.84 -8.05
N THR B 116 -10.58 -2.65 -6.72
CA THR B 116 -9.40 -3.06 -5.96
C THR B 116 -9.03 -4.48 -6.26
N ASN B 117 -10.02 -5.40 -6.23
CA ASN B 117 -9.78 -6.78 -6.54
C ASN B 117 -9.36 -7.02 -8.00
N ILE B 118 -10.00 -6.30 -8.92
CA ILE B 118 -9.58 -6.37 -10.31
C ILE B 118 -8.07 -6.01 -10.44
N PHE B 119 -7.69 -4.97 -9.74
CA PHE B 119 -6.30 -4.55 -9.76
C PHE B 119 -5.41 -5.57 -9.10
N LEU B 120 -5.79 -6.13 -7.95
CA LEU B 120 -4.97 -7.11 -7.36
C LEU B 120 -4.74 -8.29 -8.31
N LYS B 121 -5.77 -8.66 -9.08
CA LYS B 121 -5.66 -9.79 -9.96
C LYS B 121 -4.80 -9.58 -11.18
N PHE B 122 -4.39 -8.34 -11.44
CA PHE B 122 -3.31 -8.15 -12.42
C PHE B 122 -2.05 -8.89 -12.03
N GLY B 123 -1.84 -9.14 -10.75
CA GLY B 123 -0.88 -10.07 -10.32
C GLY B 123 0.56 -9.65 -10.05
N SER B 124 0.76 -8.35 -10.03
CA SER B 124 2.08 -7.82 -9.77
C SER B 124 1.94 -6.47 -9.05
N GLY B 125 2.55 -6.42 -7.89
CA GLY B 125 2.53 -5.26 -7.09
C GLY B 125 3.88 -4.87 -6.53
N TYR B 126 3.95 -3.65 -6.02
CA TYR B 126 5.15 -3.20 -5.40
C TYR B 126 4.96 -3.04 -3.85
N VAL B 127 5.87 -3.58 -3.13
CA VAL B 127 5.95 -3.44 -1.68
C VAL B 127 7.20 -2.61 -1.32
N SER B 128 7.12 -1.91 -0.18
CA SER B 128 8.21 -1.02 0.12
C SER B 128 8.30 -0.84 1.64
N GLY B 129 9.49 -0.55 2.14
CA GLY B 129 9.62 -0.24 3.59
C GLY B 129 11.07 -0.18 4.02
N TRP B 130 11.22 0.14 5.28
CA TRP B 130 12.49 0.27 5.93
C TRP B 130 12.76 -0.95 6.90
N GLY B 131 12.06 -2.06 6.65
CA GLY B 131 12.25 -3.24 7.46
C GLY B 131 13.58 -3.95 7.21
N ARG B 132 13.74 -5.11 7.88
CA ARG B 132 14.95 -5.91 7.84
C ARG B 132 15.24 -6.34 6.34
N VAL B 133 16.51 -6.35 6.01
CA VAL B 133 16.93 -6.70 4.69
C VAL B 133 17.39 -8.14 4.61
N PHE B 134 17.41 -8.81 5.75
CA PHE B 134 17.58 -10.28 5.86
C PHE B 134 16.65 -10.66 7.02
N HIS B 135 16.15 -11.99 7.09
CA HIS B 135 15.48 -12.52 8.22
C HIS B 135 16.43 -12.38 9.45
N GLN B 136 15.93 -11.72 10.52
CA GLN B 136 16.73 -11.52 11.74
C GLN B 136 18.00 -10.67 11.47
N GLY B 137 18.02 -9.93 10.39
CA GLY B 137 19.16 -9.09 10.03
C GLY B 137 18.90 -7.64 10.37
N GLN B 138 19.76 -6.81 9.80
CA GLN B 138 19.82 -5.32 9.90
C GLN B 138 18.62 -4.76 9.12
N SER B 139 18.04 -3.68 9.59
CA SER B 139 17.10 -2.89 8.84
C SER B 139 17.70 -1.90 7.88
N ALA B 140 16.89 -1.39 7.01
CA ALA B 140 17.34 -0.50 5.96
C ALA B 140 17.44 0.95 6.41
N LEU B 141 18.44 1.65 5.94
CA LEU B 141 18.45 3.03 6.09
C LEU B 141 17.72 3.78 5.00
N VAL B 142 17.89 3.36 3.76
CA VAL B 142 17.25 3.96 2.63
C VAL B 142 16.02 3.03 2.30
N LEU B 143 14.93 3.63 1.98
CA LEU B 143 13.68 2.90 1.65
C LEU B 143 13.96 1.89 0.59
N GLN B 144 13.51 0.66 0.79
CA GLN B 144 13.64 -0.42 -0.14
C GLN B 144 12.31 -0.72 -0.81
N TYR B 145 12.37 -1.18 -2.07
CA TYR B 145 11.19 -1.64 -2.77
C TYR B 145 11.43 -2.95 -3.50
N LEU B 146 10.32 -3.63 -3.78
CA LEU B 146 10.35 -4.93 -4.43
C LEU B 146 9.03 -5.15 -5.16
N ARG B 147 9.13 -5.59 -6.42
CA ARG B 147 8.00 -6.06 -7.14
C ARG B 147 7.74 -7.56 -6.77
N VAL B 148 6.47 -7.85 -6.39
CA VAL B 148 6.15 -9.23 -6.01
C VAL B 148 4.96 -9.74 -6.79
N PRO B 149 5.11 -10.92 -7.31
CA PRO B 149 3.99 -11.52 -8.02
C PRO B 149 2.97 -12.13 -7.07
N LEU B 150 1.72 -12.09 -7.46
CA LEU B 150 0.63 -12.72 -6.69
C LEU B 150 0.81 -14.22 -6.81
N VAL B 151 0.61 -14.92 -5.72
CA VAL B 151 0.69 -16.34 -5.59
C VAL B 151 -0.75 -16.93 -5.50
N ASP B 152 -0.93 -17.97 -6.30
CA ASP B 152 -2.19 -18.68 -6.33
C ASP B 152 -2.59 -19.10 -4.91
N ARG B 153 -3.87 -18.90 -4.58
CA ARG B 153 -4.33 -19.22 -3.22
C ARG B 153 -4.07 -20.67 -2.81
N ALA B 154 -4.38 -21.63 -3.69
CA ALA B 154 -4.17 -23.02 -3.36
C ALA B 154 -2.70 -23.35 -3.13
N THR B 155 -1.84 -22.73 -4.00
CA THR B 155 -0.38 -22.87 -3.84
C THR B 155 0.02 -22.35 -2.43
N CYS B 156 -0.54 -21.20 -2.10
CA CYS B 156 -0.21 -20.56 -0.79
C CYS B 156 -0.70 -21.42 0.38
N LEU B 157 -1.92 -21.96 0.27
CA LEU B 157 -2.41 -22.84 1.35
C LEU B 157 -1.58 -24.07 1.52
N ARG B 158 -1.11 -24.66 0.43
CA ARG B 158 -0.29 -25.83 0.51
C ARG B 158 1.12 -25.61 1.15
N SER B 159 1.52 -24.35 1.18
CA SER B 159 2.83 -24.05 1.67
C SER B 159 2.98 -23.96 3.21
N THR B 160 1.87 -24.04 3.92
CA THR B 160 1.91 -23.68 5.32
C THR B 160 0.96 -24.47 6.20
N LYS B 161 1.36 -24.63 7.44
CA LYS B 161 0.47 -25.15 8.45
C LYS B 161 -0.50 -24.11 9.00
N PHE B 162 -0.29 -22.85 8.70
CA PHE B 162 -1.13 -21.82 9.21
C PHE B 162 -2.34 -21.63 8.29
N THR B 163 -3.30 -20.90 8.82
CA THR B 163 -4.48 -20.56 8.08
C THR B 163 -4.39 -19.26 7.39
N ILE B 164 -4.61 -19.29 6.07
CA ILE B 164 -4.69 -18.10 5.26
C ILE B 164 -6.18 -17.79 5.01
N TYR B 165 -6.66 -16.72 5.59
CA TYR B 165 -8.05 -16.33 5.49
C TYR B 165 -8.36 -15.62 4.19
N ASN B 166 -9.63 -15.46 3.86
CA ASN B 166 -10.04 -14.85 2.63
C ASN B 166 -9.75 -13.38 2.48
N ASN B 167 -9.52 -12.73 3.68
CA ASN B 167 -9.11 -11.35 3.72
C ASN B 167 -7.61 -11.22 3.72
N MET B 168 -6.93 -12.24 3.30
CA MET B 168 -5.47 -12.22 3.12
C MET B 168 -5.19 -12.68 1.70
N PHE B 169 -4.00 -12.23 1.19
CA PHE B 169 -3.43 -12.78 -0.04
C PHE B 169 -1.94 -13.10 0.14
N CYS B 170 -1.40 -13.89 -0.81
CA CYS B 170 -0.03 -14.33 -0.74
C CYS B 170 0.67 -13.73 -1.97
N ALA B 171 1.92 -13.32 -1.73
CA ALA B 171 2.74 -12.80 -2.81
C ALA B 171 4.20 -13.01 -2.50
N GLY B 172 4.99 -13.19 -3.57
CA GLY B 172 6.39 -13.49 -3.40
C GLY B 172 6.87 -14.50 -4.42
N PHE B 173 7.96 -15.16 -4.11
CA PHE B 173 8.69 -15.98 -5.04
C PHE B 173 8.90 -17.39 -4.48
N HIS B 174 8.63 -18.39 -5.28
CA HIS B 174 8.79 -19.75 -4.79
C HIS B 174 10.17 -20.09 -4.35
N GLU B 175 11.16 -19.47 -5.00
CA GLU B 175 12.53 -19.90 -4.80
C GLU B 175 13.11 -19.12 -3.65
N GLY B 176 12.36 -18.23 -3.04
CA GLY B 176 12.92 -17.46 -1.91
C GLY B 176 13.79 -16.36 -2.39
N GLY B 177 14.41 -15.67 -1.41
CA GLY B 177 15.40 -14.67 -1.69
C GLY B 177 14.89 -13.25 -1.73
N ARG B 178 13.59 -13.05 -1.96
CA ARG B 178 12.99 -11.71 -2.12
C ARG B 178 11.64 -11.68 -1.44
N ASP B 179 11.44 -10.75 -0.50
CA ASP B 179 10.15 -10.80 0.33
C ASP B 179 10.14 -9.49 1.12
N SER B 180 8.99 -9.13 1.59
CA SER B 180 8.83 -8.18 2.69
C SER B 180 9.32 -8.91 3.99
N CYS B 181 9.58 -8.11 5.06
CA CYS B 181 10.15 -8.70 6.28
C CYS B 181 9.72 -7.87 7.53
N GLN B 182 10.19 -8.32 8.74
CA GLN B 182 9.90 -7.62 9.97
C GLN B 182 10.25 -6.17 9.78
N GLY B 183 9.36 -5.30 10.20
CA GLY B 183 9.48 -3.87 10.10
C GLY B 183 8.87 -3.21 8.90
N ASP B 184 8.55 -4.04 7.90
CA ASP B 184 7.79 -3.55 6.78
C ASP B 184 6.28 -3.53 6.96
N SER B 185 5.79 -4.19 8.02
CA SER B 185 4.35 -4.22 8.27
C SER B 185 3.70 -2.94 8.23
N GLY B 186 2.52 -2.89 7.65
CA GLY B 186 1.75 -1.72 7.52
C GLY B 186 1.96 -0.89 6.29
N GLY B 187 3.08 -1.15 5.67
CA GLY B 187 3.34 -0.45 4.45
C GLY B 187 2.50 -1.02 3.27
N PRO B 188 2.60 -0.35 2.16
CA PRO B 188 1.71 -0.62 1.03
C PRO B 188 2.16 -1.72 0.10
N HIS B 189 1.20 -2.46 -0.39
CA HIS B 189 1.31 -3.30 -1.60
C HIS B 189 0.46 -2.54 -2.58
N VAL B 190 1.09 -2.01 -3.64
N VAL B 190 1.09 -2.13 -3.68
CA VAL B 190 0.36 -1.19 -4.60
CA VAL B 190 0.49 -1.21 -4.59
C VAL B 190 0.46 -1.81 -6.01
C VAL B 190 0.49 -1.80 -6.02
N THR B 191 -0.59 -1.52 -6.78
CA THR B 191 -0.70 -1.92 -8.17
C THR B 191 -0.83 -0.68 -9.04
N GLU B 192 0.08 -0.62 -10.06
CA GLU B 192 0.10 0.50 -10.93
C GLU B 192 -0.88 0.19 -12.15
N VAL B 193 -1.81 1.05 -12.41
CA VAL B 193 -2.79 0.92 -13.44
C VAL B 193 -2.72 2.15 -14.36
N GLU B 194 -2.21 1.93 -15.55
CA GLU B 194 -2.04 3.03 -16.57
C GLU B 194 -1.42 4.21 -15.92
N GLY B 195 -0.37 3.98 -15.13
CA GLY B 195 0.40 5.10 -14.53
C GLY B 195 -0.11 5.70 -13.24
N THR B 196 -1.17 5.11 -12.70
CA THR B 196 -1.68 5.60 -11.44
C THR B 196 -1.65 4.43 -10.45
N SER B 197 -1.05 4.65 -9.29
CA SER B 197 -0.92 3.60 -8.29
C SER B 197 -2.16 3.52 -7.36
N PHE B 198 -2.60 2.29 -7.12
CA PHE B 198 -3.75 2.00 -6.24
C PHE B 198 -3.33 1.01 -5.17
N LEU B 199 -3.85 1.23 -3.97
CA LEU B 199 -3.54 0.36 -2.84
C LEU B 199 -4.32 -0.95 -3.01
N THR B 200 -3.60 -2.03 -3.03
CA THR B 200 -4.18 -3.34 -3.14
C THR B 200 -3.94 -4.27 -1.93
N GLY B 201 -2.95 -3.95 -1.11
CA GLY B 201 -2.63 -4.74 0.06
C GLY B 201 -1.94 -3.97 1.18
N ILE B 202 -1.93 -4.57 2.37
CA ILE B 202 -1.13 -4.07 3.49
C ILE B 202 -0.16 -5.17 3.85
N ILE B 203 1.15 -4.83 3.99
CA ILE B 203 2.12 -5.77 4.44
C ILE B 203 1.80 -6.30 5.83
N SER B 204 1.68 -7.60 5.98
CA SER B 204 1.14 -8.17 7.25
C SER B 204 1.99 -9.17 7.93
N TRP B 205 2.26 -10.32 7.33
CA TRP B 205 2.97 -11.35 8.06
C TRP B 205 3.59 -12.40 7.15
N GLY B 206 4.32 -13.31 7.73
CA GLY B 206 4.94 -14.41 7.03
C GLY B 206 5.69 -15.32 8.00
N GLU B 207 6.13 -16.48 7.53
CA GLU B 207 6.88 -17.42 8.35
C GLU B 207 8.35 -17.28 7.97
N GLU B 208 9.17 -16.67 8.82
CA GLU B 208 10.51 -16.10 8.52
C GLU B 208 10.33 -15.08 7.38
N CYS B 209 11.39 -14.83 6.61
CA CYS B 209 11.34 -13.91 5.49
C CYS B 209 12.17 -14.56 4.42
N ALA B 210 11.68 -14.47 3.16
CA ALA B 210 12.45 -14.84 1.99
C ALA B 210 12.92 -16.28 1.95
N MET B 211 12.23 -17.19 2.65
CA MET B 211 12.70 -18.59 2.66
C MET B 211 12.01 -19.29 1.45
N LYS B 212 12.69 -20.26 0.87
CA LYS B 212 12.17 -21.02 -0.23
C LYS B 212 10.88 -21.73 0.18
N GLY B 213 9.88 -21.58 -0.63
CA GLY B 213 8.63 -22.29 -0.43
C GLY B 213 7.67 -21.60 0.55
N LYS B 214 8.03 -20.40 1.02
CA LYS B 214 7.25 -19.63 1.92
C LYS B 214 6.92 -18.31 1.23
N TYR B 215 5.81 -17.69 1.55
CA TYR B 215 5.37 -16.46 0.89
C TYR B 215 5.09 -15.39 1.90
N GLY B 216 5.09 -14.14 1.43
CA GLY B 216 4.60 -13.07 2.21
C GLY B 216 3.10 -13.05 2.24
N ILE B 217 2.51 -12.69 3.37
CA ILE B 217 1.08 -12.68 3.46
C ILE B 217 0.65 -11.21 3.71
N TYR B 218 -0.39 -10.77 3.07
CA TYR B 218 -0.80 -9.43 2.94
C TYR B 218 -2.32 -9.30 3.25
N THR B 219 -2.70 -8.21 3.85
CA THR B 219 -4.12 -7.89 4.05
C THR B 219 -4.72 -7.51 2.74
N LYS B 220 -5.88 -8.10 2.42
CA LYS B 220 -6.53 -7.87 1.18
C LYS B 220 -7.34 -6.56 1.33
N VAL B 221 -6.89 -5.45 0.77
CA VAL B 221 -7.48 -4.16 0.97
C VAL B 221 -8.89 -4.07 0.41
N SER B 222 -9.22 -4.79 -0.63
CA SER B 222 -10.54 -4.67 -1.25
C SER B 222 -11.69 -4.93 -0.24
N ARG B 223 -11.35 -5.77 0.73
CA ARG B 223 -12.33 -6.12 1.82
C ARG B 223 -12.65 -4.96 2.79
N TYR B 224 -11.81 -3.94 2.79
CA TYR B 224 -11.83 -2.84 3.75
C TYR B 224 -12.03 -1.47 3.15
N VAL B 225 -12.18 -1.32 1.84
N VAL B 225 -12.19 -1.36 1.84
CA VAL B 225 -12.23 -0.02 1.22
CA VAL B 225 -12.25 -0.09 1.20
C VAL B 225 -13.45 0.82 1.69
C VAL B 225 -13.43 0.78 1.71
N ASN B 226 -14.62 0.20 1.92
CA ASN B 226 -15.76 1.01 2.34
C ASN B 226 -15.47 1.62 3.70
N TRP B 227 -14.91 0.83 4.57
CA TRP B 227 -14.55 1.27 5.90
C TRP B 227 -13.48 2.35 5.85
N ILE B 228 -12.49 2.16 5.01
CA ILE B 228 -11.47 3.19 4.87
C ILE B 228 -12.07 4.50 4.38
N LYS B 229 -12.92 4.47 3.36
CA LYS B 229 -13.47 5.64 2.80
C LYS B 229 -14.35 6.34 3.84
N GLU B 230 -15.16 5.54 4.57
CA GLU B 230 -16.11 6.12 5.52
C GLU B 230 -15.30 6.81 6.69
N LYS B 231 -14.32 6.11 7.26
CA LYS B 231 -13.58 6.67 8.42
C LYS B 231 -12.72 7.86 8.08
N THR B 232 -12.18 7.90 6.88
CA THR B 232 -11.22 8.89 6.50
C THR B 232 -11.78 10.11 5.75
N LYS B 233 -13.09 10.19 5.50
CA LYS B 233 -13.71 11.22 4.67
C LYS B 233 -13.41 12.54 5.35
N LEU B 234 -12.98 13.52 4.57
CA LEU B 234 -12.71 14.91 5.09
C LEU B 234 -13.88 15.85 4.91
N THR B 235 -14.58 15.75 3.81
CA THR B 235 -15.76 16.62 3.37
C THR B 235 -17.03 16.15 4.08
N GLU C 1 6.07 -14.38 13.42
N GLU C 1 6.25 -14.22 13.53
N GLU C 1 4.83 -15.46 11.88
CA GLU C 1 5.28 -14.33 12.17
CA GLU C 1 5.49 -14.22 12.26
CA GLU C 1 5.40 -14.24 12.58
C GLU C 1 4.92 -12.85 11.83
C GLU C 1 5.03 -12.81 11.86
C GLU C 1 4.99 -12.90 11.94
N GLY C 2 4.52 -11.99 12.80
CA GLY C 2 4.19 -10.59 12.40
C GLY C 2 5.37 -9.70 12.09
#